data_8A07
#
_entry.id   8A07
#
_cell.length_a   59.301
_cell.length_b   67.420
_cell.length_c   80.355
_cell.angle_alpha   90.00
_cell.angle_beta   90.00
_cell.angle_gamma   90.00
#
_symmetry.space_group_name_H-M   'P 21 21 21'
#
loop_
_entity.id
_entity.type
_entity.pdbx_description
1 polymer '7,8-dihydro-8-oxoguanine triphosphatase'
2 non-polymer 1~{H}-quinazoline-2,4-dione
3 non-polymer 'SULFATE ION'
4 water water
#
_entity_poly.entity_id   1
_entity_poly.type   'polypeptide(L)'
_entity_poly.pdbx_seq_one_letter_code
;GSHMGASRLYTLVLVLQPQRVLLGMKKRGFGAGRWNGFGGKVQEGETIEDGARRELQEESGLTVDALHKVGQIVFEFVGE
PELMDVHVFCTDSIQGTPVESDEMRPCWFQLDQIPFKDMWPDDSYWFPLLLQKKKFHGYFKFQGQDTILDYTLREVDTV
;
_entity_poly.pdbx_strand_id   A,B
#
loop_
_chem_comp.id
_chem_comp.type
_chem_comp.name
_chem_comp.formula
L3N non-polymer 1~{H}-quinazoline-2,4-dione 'C8 H6 N2 O2'
SO4 non-polymer 'SULFATE ION' 'O4 S -2'
#
# COMPACT_ATOMS: atom_id res chain seq x y z
N ALA A 6 -5.28 -21.16 5.78
CA ALA A 6 -5.61 -22.11 4.65
C ALA A 6 -6.41 -21.39 3.57
N SER A 7 -6.08 -21.68 2.31
CA SER A 7 -6.60 -20.90 1.18
C SER A 7 -6.75 -21.74 -0.08
N ARG A 8 -7.40 -21.14 -1.07
CA ARG A 8 -7.76 -21.78 -2.34
C ARG A 8 -7.29 -20.85 -3.47
N LEU A 9 -6.73 -21.44 -4.53
CA LEU A 9 -6.19 -20.66 -5.65
C LEU A 9 -7.29 -20.25 -6.65
N TYR A 10 -7.28 -18.96 -6.98
CA TYR A 10 -8.16 -18.38 -8.01
C TYR A 10 -7.34 -17.48 -8.97
N THR A 11 -7.88 -17.28 -10.18
CA THR A 11 -7.27 -16.37 -11.16
C THR A 11 -8.16 -15.18 -11.48
N LEU A 12 -7.51 -14.12 -11.95
CA LEU A 12 -8.20 -12.91 -12.39
C LEU A 12 -7.35 -12.27 -13.50
N VAL A 13 -7.94 -12.11 -14.68
CA VAL A 13 -7.25 -11.63 -15.86
C VAL A 13 -7.92 -10.35 -16.33
N LEU A 14 -7.13 -9.28 -16.43
CA LEU A 14 -7.59 -7.98 -16.89
C LEU A 14 -6.91 -7.64 -18.21
N VAL A 15 -7.67 -7.52 -19.28
CA VAL A 15 -7.10 -7.12 -20.58
C VAL A 15 -7.01 -5.60 -20.55
N LEU A 16 -5.79 -5.08 -20.42
CA LEU A 16 -5.59 -3.64 -20.24
C LEU A 16 -4.93 -2.99 -21.45
N GLN A 17 -5.73 -2.23 -22.20
CA GLN A 17 -5.25 -1.38 -23.30
C GLN A 17 -5.18 0.08 -22.80
N PRO A 18 -4.16 0.86 -23.24
CA PRO A 18 -3.96 2.26 -22.81
C PRO A 18 -5.19 3.20 -22.80
N GLN A 19 -6.19 2.94 -23.65
CA GLN A 19 -7.46 3.70 -23.61
C GLN A 19 -8.66 2.90 -23.05
N ARG A 20 -8.55 1.58 -22.97
CA ARG A 20 -9.68 0.75 -22.53
C ARG A 20 -9.31 -0.53 -21.80
N VAL A 21 -10.28 -1.09 -21.08
CA VAL A 21 -10.08 -2.32 -20.32
C VAL A 21 -11.30 -3.22 -20.50
N LEU A 22 -11.06 -4.49 -20.83
CA LEU A 22 -12.13 -5.46 -21.05
C LEU A 22 -12.57 -6.06 -19.72
N LEU A 23 -13.88 -5.99 -19.47
CA LEU A 23 -14.50 -6.61 -18.31
C LEU A 23 -15.63 -7.50 -18.81
N GLY A 24 -16.08 -8.40 -17.94
CA GLY A 24 -17.21 -9.28 -18.26
C GLY A 24 -18.22 -9.23 -17.13
N MET A 25 -19.51 -9.20 -17.51
CA MET A 25 -20.62 -9.22 -16.56
C MET A 25 -20.92 -10.67 -16.21
N LYS A 26 -20.89 -11.00 -14.92
CA LYS A 26 -21.11 -12.35 -14.43
C LYS A 26 -22.61 -12.66 -14.29
N LYS A 27 -23.08 -13.66 -15.03
CA LYS A 27 -24.52 -13.98 -15.17
C LYS A 27 -25.08 -14.94 -14.10
N ARG A 28 -24.25 -15.81 -13.55
CA ARG A 28 -24.65 -16.69 -12.43
C ARG A 28 -23.46 -17.01 -11.51
N GLY A 29 -23.76 -17.68 -10.41
CA GLY A 29 -22.74 -18.16 -9.49
C GLY A 29 -22.30 -17.08 -8.53
N PHE A 30 -21.07 -17.21 -8.03
CA PHE A 30 -20.53 -16.29 -7.03
C PHE A 30 -20.31 -14.90 -7.61
N GLY A 31 -20.96 -13.90 -7.01
CA GLY A 31 -20.82 -12.51 -7.44
C GLY A 31 -21.45 -12.22 -8.78
N ALA A 32 -22.63 -12.79 -9.01
CA ALA A 32 -23.39 -12.55 -10.23
C ALA A 32 -23.99 -11.15 -10.17
N GLY A 33 -24.11 -10.52 -11.34
CA GLY A 33 -24.60 -9.14 -11.45
C GLY A 33 -23.53 -8.11 -11.10
N ARG A 34 -22.28 -8.43 -11.45
CA ARG A 34 -21.14 -7.52 -11.28
C ARG A 34 -20.16 -7.64 -12.44
N TRP A 35 -19.63 -6.51 -12.88
CA TRP A 35 -18.52 -6.48 -13.82
C TRP A 35 -17.24 -6.91 -13.10
N ASN A 36 -16.38 -7.63 -13.81
CA ASN A 36 -15.25 -8.31 -13.20
C ASN A 36 -14.20 -8.65 -14.27
N GLY A 37 -13.00 -8.99 -13.82
CA GLY A 37 -12.01 -9.63 -14.69
C GLY A 37 -12.42 -11.07 -14.93
N PHE A 38 -11.75 -11.73 -15.86
CA PHE A 38 -12.03 -13.13 -16.16
C PHE A 38 -11.15 -14.04 -15.32
N GLY A 39 -11.66 -15.21 -15.01
CA GLY A 39 -10.92 -16.21 -14.25
C GLY A 39 -11.84 -17.11 -13.47
N GLY A 40 -11.24 -17.81 -12.50
CA GLY A 40 -11.97 -18.77 -11.68
C GLY A 40 -11.02 -19.69 -10.93
N LYS A 41 -11.53 -20.86 -10.56
CA LYS A 41 -10.75 -21.83 -9.77
C LYS A 41 -9.57 -22.40 -10.57
N VAL A 42 -8.45 -22.62 -9.88
CA VAL A 42 -7.31 -23.32 -10.49
C VAL A 42 -7.52 -24.81 -10.24
N GLN A 43 -7.24 -25.59 -11.27
CA GLN A 43 -7.44 -27.02 -11.23
C GLN A 43 -6.17 -27.72 -10.79
N GLU A 44 -6.35 -28.95 -10.32
CA GLU A 44 -5.24 -29.85 -10.08
C GLU A 44 -4.64 -30.25 -11.42
N GLY A 45 -3.31 -30.17 -11.52
CA GLY A 45 -2.60 -30.57 -12.74
C GLY A 45 -2.29 -29.49 -13.76
N GLU A 46 -2.64 -28.23 -13.48
CA GLU A 46 -2.30 -27.09 -14.35
C GLU A 46 -1.61 -26.01 -13.50
N THR A 47 -0.78 -25.20 -14.14
CA THR A 47 -0.16 -24.04 -13.46
C THR A 47 -1.19 -22.93 -13.31
N ILE A 48 -0.90 -21.98 -12.42
CA ILE A 48 -1.81 -20.87 -12.13
C ILE A 48 -2.06 -20.05 -13.40
N GLU A 49 -0.99 -19.76 -14.15
CA GLU A 49 -1.11 -19.01 -15.41
C GLU A 49 -1.92 -19.77 -16.46
N ASP A 50 -1.66 -21.07 -16.58
CA ASP A 50 -2.43 -21.91 -17.52
C ASP A 50 -3.91 -21.96 -17.17
N GLY A 51 -4.21 -21.95 -15.88
CA GLY A 51 -5.60 -21.85 -15.43
C GLY A 51 -6.21 -20.51 -15.76
N ALA A 52 -5.41 -19.45 -15.66
CA ALA A 52 -5.84 -18.10 -16.00
C ALA A 52 -6.21 -17.98 -17.48
N ARG A 53 -5.34 -18.53 -18.34
CA ARG A 53 -5.58 -18.62 -19.78
C ARG A 53 -6.86 -19.42 -20.06
N ARG A 54 -6.92 -20.65 -19.55
CA ARG A 54 -8.07 -21.52 -19.76
C ARG A 54 -9.38 -20.78 -19.52
N GLU A 55 -9.50 -20.14 -18.36
CA GLU A 55 -10.71 -19.40 -17.99
C GLU A 55 -11.00 -18.19 -18.89
N LEU A 56 -9.95 -17.55 -19.40
CA LEU A 56 -10.11 -16.43 -20.35
C LEU A 56 -10.77 -16.94 -21.64
N GLN A 57 -10.18 -18.00 -22.22
CA GLN A 57 -10.74 -18.69 -23.38
C GLN A 57 -12.17 -19.14 -23.12
N GLU A 58 -12.41 -19.80 -21.99
CA GLU A 58 -13.75 -20.28 -21.63
C GLU A 58 -14.81 -19.17 -21.54
N GLU A 59 -14.46 -18.05 -20.92
CA GLU A 59 -15.44 -17.01 -20.58
C GLU A 59 -15.61 -15.93 -21.65
N SER A 60 -14.54 -15.56 -22.35
CA SER A 60 -14.57 -14.54 -23.41
C SER A 60 -14.24 -15.05 -24.82
N GLY A 61 -13.82 -16.32 -24.95
CA GLY A 61 -13.31 -16.84 -26.23
C GLY A 61 -11.85 -16.52 -26.54
N LEU A 62 -11.23 -15.59 -25.81
CA LEU A 62 -9.95 -15.01 -26.22
C LEU A 62 -8.73 -15.85 -25.86
N THR A 63 -7.68 -15.72 -26.66
CA THR A 63 -6.36 -16.24 -26.33
C THR A 63 -5.36 -15.10 -26.40
N VAL A 64 -4.27 -15.25 -25.66
CA VAL A 64 -3.27 -14.19 -25.50
C VAL A 64 -1.90 -14.80 -25.74
N ASP A 65 -0.94 -13.96 -26.14
CA ASP A 65 0.45 -14.40 -26.26
C ASP A 65 1.05 -14.61 -24.88
N ALA A 66 1.16 -13.53 -24.11
CA ALA A 66 1.81 -13.55 -22.81
C ALA A 66 0.91 -12.94 -21.75
N LEU A 67 0.86 -13.58 -20.58
CA LEU A 67 0.18 -13.04 -19.39
C LEU A 67 1.24 -12.59 -18.40
N HIS A 68 1.06 -11.38 -17.88
CA HIS A 68 2.00 -10.77 -16.94
C HIS A 68 1.42 -10.82 -15.54
N LYS A 69 2.20 -11.35 -14.59
CA LYS A 69 1.84 -11.36 -13.17
C LYS A 69 1.88 -9.94 -12.63
N VAL A 70 0.74 -9.43 -12.18
CA VAL A 70 0.66 -8.07 -11.63
C VAL A 70 0.34 -8.00 -10.15
N GLY A 71 -0.39 -8.97 -9.61
CA GLY A 71 -0.63 -8.97 -8.17
C GLY A 71 -1.18 -10.22 -7.55
N GLN A 72 -1.36 -10.15 -6.23
CA GLN A 72 -1.99 -11.19 -5.42
C GLN A 72 -2.89 -10.52 -4.40
N ILE A 73 -4.17 -10.90 -4.39
CA ILE A 73 -5.10 -10.40 -3.40
C ILE A 73 -5.67 -11.59 -2.66
N VAL A 74 -5.61 -11.54 -1.33
CA VAL A 74 -6.28 -12.52 -0.49
C VAL A 74 -7.62 -11.93 -0.04
N PHE A 75 -8.69 -12.69 -0.21
CA PHE A 75 -10.01 -12.32 0.29
C PHE A 75 -10.43 -13.26 1.43
N GLU A 76 -10.94 -12.67 2.51
CA GLU A 76 -11.52 -13.39 3.62
C GLU A 76 -12.97 -12.96 3.77
N PHE A 77 -13.89 -13.91 3.78
CA PHE A 77 -15.30 -13.66 4.05
C PHE A 77 -15.65 -14.16 5.44
N VAL A 78 -16.21 -13.26 6.26
CA VAL A 78 -16.76 -13.62 7.58
C VAL A 78 -17.74 -14.78 7.44
N GLY A 79 -17.57 -15.80 8.27
CA GLY A 79 -18.42 -17.00 8.24
C GLY A 79 -17.98 -18.12 7.32
N GLU A 80 -16.98 -17.86 6.46
CA GLU A 80 -16.41 -18.85 5.54
C GLU A 80 -14.94 -19.06 5.92
N PRO A 81 -14.54 -20.29 6.29
CA PRO A 81 -13.14 -20.50 6.71
C PRO A 81 -12.07 -20.52 5.60
N GLU A 82 -12.44 -20.94 4.39
N GLU A 82 -12.42 -20.98 4.40
CA GLU A 82 -11.54 -20.98 3.24
CA GLU A 82 -11.48 -21.00 3.27
C GLU A 82 -11.26 -19.57 2.70
C GLU A 82 -11.25 -19.59 2.71
N LEU A 83 -9.98 -19.20 2.62
CA LEU A 83 -9.56 -17.93 2.03
C LEU A 83 -9.45 -18.07 0.51
N MET A 84 -9.75 -17.00 -0.21
CA MET A 84 -9.52 -16.96 -1.66
C MET A 84 -8.16 -16.31 -1.91
N ASP A 85 -7.27 -17.05 -2.56
CA ASP A 85 -5.94 -16.58 -2.93
C ASP A 85 -5.97 -16.28 -4.42
N VAL A 86 -6.22 -15.01 -4.75
CA VAL A 86 -6.47 -14.59 -6.13
C VAL A 86 -5.18 -14.06 -6.74
N HIS A 87 -4.70 -14.73 -7.79
CA HIS A 87 -3.56 -14.29 -8.58
C HIS A 87 -4.06 -13.47 -9.76
N VAL A 88 -3.62 -12.20 -9.82
CA VAL A 88 -4.11 -11.24 -10.83
C VAL A 88 -3.12 -11.18 -11.98
N PHE A 89 -3.64 -11.24 -13.20
CA PHE A 89 -2.81 -11.19 -14.41
C PHE A 89 -3.27 -10.04 -15.31
N CYS A 90 -2.36 -9.58 -16.17
N CYS A 90 -2.37 -9.55 -16.15
CA CYS A 90 -2.64 -8.48 -17.08
CA CYS A 90 -2.67 -8.48 -17.10
C CYS A 90 -2.03 -8.72 -18.45
C CYS A 90 -2.04 -8.72 -18.46
N THR A 91 -2.66 -8.16 -19.48
CA THR A 91 -2.17 -8.23 -20.87
C THR A 91 -2.85 -7.18 -21.76
N ASP A 92 -2.09 -6.64 -22.70
CA ASP A 92 -2.61 -5.72 -23.73
C ASP A 92 -2.95 -6.52 -24.99
N SER A 93 -1.97 -7.27 -25.48
CA SER A 93 -2.11 -8.06 -26.71
C SER A 93 -3.04 -9.25 -26.54
N ILE A 94 -4.23 -9.17 -27.14
CA ILE A 94 -5.18 -10.28 -27.22
C ILE A 94 -5.29 -10.77 -28.68
N GLN A 95 -5.72 -12.03 -28.84
CA GLN A 95 -5.93 -12.65 -30.16
C GLN A 95 -7.39 -13.04 -30.28
N GLY A 96 -8.06 -12.53 -31.32
CA GLY A 96 -9.49 -12.79 -31.55
C GLY A 96 -10.40 -11.67 -31.09
N THR A 97 -11.68 -12.01 -30.91
CA THR A 97 -12.73 -11.05 -30.57
C THR A 97 -13.48 -11.54 -29.34
N PRO A 98 -13.70 -10.65 -28.34
CA PRO A 98 -14.55 -11.03 -27.21
C PRO A 98 -15.97 -11.43 -27.64
N VAL A 99 -16.37 -12.64 -27.27
CA VAL A 99 -17.73 -13.12 -27.49
C VAL A 99 -18.29 -13.70 -26.19
N GLU A 100 -19.60 -13.81 -26.14
CA GLU A 100 -20.32 -14.15 -24.93
C GLU A 100 -20.27 -15.65 -24.64
N SER A 101 -20.42 -16.00 -23.36
CA SER A 101 -20.42 -17.37 -22.89
C SER A 101 -21.53 -17.58 -21.86
N ASP A 102 -21.60 -18.77 -21.29
CA ASP A 102 -22.55 -19.04 -20.20
C ASP A 102 -22.23 -18.27 -18.91
N GLU A 103 -20.94 -18.01 -18.68
CA GLU A 103 -20.49 -17.32 -17.47
C GLU A 103 -20.44 -15.79 -17.61
N MET A 104 -19.93 -15.29 -18.74
CA MET A 104 -19.58 -13.86 -18.88
C MET A 104 -20.08 -13.22 -20.17
N ARG A 105 -20.61 -11.99 -20.04
CA ARG A 105 -20.92 -11.12 -21.18
C ARG A 105 -19.84 -10.03 -21.26
N PRO A 106 -18.79 -10.25 -22.08
CA PRO A 106 -17.70 -9.26 -22.15
C PRO A 106 -18.13 -7.92 -22.74
N CYS A 107 -17.47 -6.85 -22.30
CA CYS A 107 -17.71 -5.52 -22.84
C CYS A 107 -16.54 -4.59 -22.53
N TRP A 108 -16.13 -3.83 -23.53
CA TRP A 108 -15.07 -2.84 -23.37
C TRP A 108 -15.57 -1.63 -22.61
N PHE A 109 -14.67 -1.02 -21.85
CA PHE A 109 -14.95 0.21 -21.12
C PHE A 109 -13.79 1.17 -21.29
N GLN A 110 -14.12 2.44 -21.50
CA GLN A 110 -13.17 3.53 -21.39
C GLN A 110 -12.56 3.55 -19.98
N LEU A 111 -11.28 3.87 -19.88
CA LEU A 111 -10.61 3.99 -18.57
C LEU A 111 -11.18 5.07 -17.64
N ASP A 112 -11.91 6.06 -18.17
CA ASP A 112 -12.64 7.02 -17.33
C ASP A 112 -14.14 6.72 -17.11
N GLN A 113 -14.59 5.53 -17.51
CA GLN A 113 -15.97 5.08 -17.28
C GLN A 113 -16.01 3.65 -16.68
N ILE A 114 -14.95 3.26 -15.95
CA ILE A 114 -14.87 1.95 -15.31
C ILE A 114 -16.01 1.86 -14.28
N PRO A 115 -16.93 0.88 -14.43
CA PRO A 115 -18.17 0.87 -13.64
C PRO A 115 -18.00 0.33 -12.21
N PHE A 116 -17.31 1.11 -11.37
CA PHE A 116 -16.93 0.68 -10.01
C PHE A 116 -18.11 0.33 -9.12
N LYS A 117 -19.20 1.09 -9.23
CA LYS A 117 -20.40 0.82 -8.42
C LYS A 117 -21.12 -0.50 -8.78
N ASP A 118 -20.83 -1.07 -9.96
CA ASP A 118 -21.29 -2.43 -10.31
C ASP A 118 -20.11 -3.42 -10.43
N MET A 119 -19.09 -3.20 -9.59
CA MET A 119 -17.93 -4.08 -9.47
C MET A 119 -17.76 -4.43 -7.99
N TRP A 120 -16.98 -5.47 -7.71
CA TRP A 120 -16.59 -5.77 -6.31
C TRP A 120 -15.95 -4.51 -5.67
N PRO A 121 -16.37 -4.15 -4.45
CA PRO A 121 -15.95 -2.86 -3.89
C PRO A 121 -14.42 -2.69 -3.67
N ASP A 122 -13.69 -3.80 -3.51
CA ASP A 122 -12.22 -3.73 -3.46
C ASP A 122 -11.58 -3.10 -4.69
N ASP A 123 -12.22 -3.22 -5.85
CA ASP A 123 -11.65 -2.70 -7.11
C ASP A 123 -11.32 -1.20 -7.10
N SER A 124 -12.12 -0.40 -6.39
CA SER A 124 -11.80 1.02 -6.12
C SER A 124 -10.37 1.21 -5.59
N TYR A 125 -9.98 0.32 -4.68
CA TYR A 125 -8.71 0.44 -3.98
C TYR A 125 -7.50 0.05 -4.82
N TRP A 126 -7.59 -1.06 -5.55
CA TRP A 126 -6.39 -1.63 -6.21
C TRP A 126 -6.22 -1.35 -7.72
N PHE A 127 -7.29 -0.91 -8.39
CA PHE A 127 -7.18 -0.49 -9.82
C PHE A 127 -6.15 0.62 -10.12
N PRO A 128 -6.07 1.69 -9.28
CA PRO A 128 -5.03 2.70 -9.53
C PRO A 128 -3.65 2.09 -9.78
N LEU A 129 -3.24 1.14 -8.94
CA LEU A 129 -1.96 0.44 -9.13
C LEU A 129 -1.92 -0.41 -10.41
N LEU A 130 -3.04 -1.01 -10.80
CA LEU A 130 -3.12 -1.76 -12.06
C LEU A 130 -2.89 -0.86 -13.27
N LEU A 131 -3.59 0.27 -13.31
CA LEU A 131 -3.50 1.20 -14.44
C LEU A 131 -2.12 1.82 -14.59
N GLN A 132 -1.46 2.06 -13.45
CA GLN A 132 -0.08 2.58 -13.43
C GLN A 132 0.99 1.49 -13.62
N LYS A 133 0.60 0.24 -13.90
CA LYS A 133 1.51 -0.88 -14.13
C LYS A 133 2.43 -1.14 -12.94
N LYS A 134 1.85 -1.10 -11.74
CA LYS A 134 2.58 -1.39 -10.51
C LYS A 134 2.13 -2.74 -9.99
N LYS A 135 3.09 -3.52 -9.49
CA LYS A 135 2.82 -4.85 -8.93
C LYS A 135 2.47 -4.74 -7.44
N PHE A 136 1.48 -5.52 -6.99
CA PHE A 136 0.88 -5.32 -5.66
C PHE A 136 0.46 -6.59 -4.90
N HIS A 137 0.49 -6.49 -3.56
CA HIS A 137 -0.05 -7.52 -2.66
C HIS A 137 -1.19 -6.89 -1.88
N GLY A 138 -2.36 -7.53 -1.95
CA GLY A 138 -3.57 -7.05 -1.31
C GLY A 138 -4.15 -8.06 -0.34
N TYR A 139 -4.89 -7.54 0.64
CA TYR A 139 -5.71 -8.33 1.54
C TYR A 139 -6.99 -7.54 1.79
N PHE A 140 -8.15 -8.20 1.71
CA PHE A 140 -9.43 -7.54 1.99
C PHE A 140 -10.33 -8.48 2.79
N LYS A 141 -10.77 -8.02 3.96
CA LYS A 141 -11.71 -8.78 4.79
C LYS A 141 -13.14 -8.31 4.55
N PHE A 142 -13.96 -9.21 3.99
CA PHE A 142 -15.35 -8.94 3.65
C PHE A 142 -16.31 -9.46 4.72
N GLN A 143 -17.39 -8.72 4.93
CA GLN A 143 -18.57 -9.18 5.65
C GLN A 143 -19.73 -9.13 4.66
N GLY A 144 -20.17 -10.30 4.20
CA GLY A 144 -21.12 -10.36 3.10
C GLY A 144 -20.44 -9.92 1.81
N GLN A 145 -21.25 -9.58 0.81
CA GLN A 145 -20.73 -9.21 -0.52
C GLN A 145 -20.40 -7.73 -0.68
N ASP A 146 -20.91 -6.87 0.21
CA ASP A 146 -20.83 -5.42 0.03
C ASP A 146 -19.89 -4.69 0.98
N THR A 147 -19.54 -5.32 2.12
CA THR A 147 -18.91 -4.60 3.23
C THR A 147 -17.46 -5.03 3.48
N ILE A 148 -16.51 -4.15 3.16
CA ILE A 148 -15.11 -4.34 3.52
C ILE A 148 -14.90 -3.92 4.98
N LEU A 149 -14.61 -4.89 5.85
CA LEU A 149 -14.31 -4.59 7.25
C LEU A 149 -12.91 -4.00 7.41
N ASP A 150 -11.93 -4.57 6.72
CA ASP A 150 -10.56 -4.03 6.74
C ASP A 150 -9.77 -4.54 5.54
N TYR A 151 -8.66 -3.85 5.26
CA TYR A 151 -7.83 -4.19 4.11
C TYR A 151 -6.40 -3.72 4.30
N THR A 152 -5.49 -4.36 3.57
CA THR A 152 -4.16 -3.85 3.32
C THR A 152 -3.86 -3.91 1.81
N LEU A 153 -3.06 -2.97 1.34
CA LEU A 153 -2.65 -2.94 -0.05
C LEU A 153 -1.23 -2.38 -0.13
N ARG A 154 -0.31 -3.16 -0.70
CA ARG A 154 1.11 -2.78 -0.74
C ARG A 154 1.71 -3.01 -2.12
N GLU A 155 2.36 -1.99 -2.67
CA GLU A 155 3.17 -2.18 -3.87
C GLU A 155 4.34 -3.08 -3.54
N VAL A 156 4.53 -4.10 -4.37
CA VAL A 156 5.66 -5.03 -4.29
C VAL A 156 6.50 -4.92 -5.54
N ASP A 157 7.73 -5.41 -5.46
CA ASP A 157 8.58 -5.63 -6.62
C ASP A 157 8.43 -7.06 -7.16
N THR A 158 8.30 -8.03 -6.25
CA THR A 158 8.10 -9.44 -6.60
C THR A 158 6.69 -9.87 -6.21
N VAL A 159 5.90 -10.33 -7.19
CA VAL A 159 4.55 -10.85 -6.95
C VAL A 159 4.66 -12.24 -6.33
N ALA B 6 -10.16 17.42 7.19
CA ALA B 6 -9.74 17.24 8.61
C ALA B 6 -8.40 16.53 8.73
N SER B 7 -7.34 17.28 8.46
CA SER B 7 -5.97 16.81 8.62
C SER B 7 -5.09 17.86 9.27
N ARG B 8 -3.99 17.38 9.84
CA ARG B 8 -3.07 18.18 10.62
C ARG B 8 -1.66 17.87 10.13
N LEU B 9 -0.86 18.91 9.91
CA LEU B 9 0.49 18.76 9.40
C LEU B 9 1.52 18.42 10.48
N TYR B 10 2.30 17.37 10.24
CA TYR B 10 3.43 16.98 11.07
C TYR B 10 4.66 16.72 10.22
N THR B 11 5.83 16.76 10.86
CA THR B 11 7.12 16.46 10.21
C THR B 11 7.78 15.27 10.87
N LEU B 12 8.66 14.60 10.14
CA LEU B 12 9.47 13.50 10.67
C LEU B 12 10.81 13.50 9.94
N VAL B 13 11.91 13.57 10.69
CA VAL B 13 13.23 13.71 10.12
C VAL B 13 14.08 12.50 10.49
N LEU B 14 14.64 11.83 9.48
CA LEU B 14 15.61 10.76 9.69
C LEU B 14 16.98 11.22 9.20
N VAL B 15 17.96 11.27 10.09
CA VAL B 15 19.35 11.49 9.70
C VAL B 15 19.93 10.13 9.33
N LEU B 16 20.00 9.86 8.03
CA LEU B 16 20.45 8.59 7.52
C LEU B 16 21.83 8.77 6.89
N GLN B 17 22.84 8.17 7.50
CA GLN B 17 24.20 8.17 6.98
C GLN B 17 24.48 6.81 6.35
N PRO B 18 25.63 6.63 5.66
CA PRO B 18 25.86 5.37 4.94
C PRO B 18 25.71 4.07 5.75
N GLN B 19 26.12 4.08 7.01
CA GLN B 19 26.12 2.86 7.85
C GLN B 19 25.31 2.98 9.15
N ARG B 20 24.52 4.05 9.31
CA ARG B 20 23.81 4.28 10.55
C ARG B 20 22.68 5.29 10.39
N VAL B 21 21.69 5.16 11.26
CA VAL B 21 20.56 6.10 11.30
C VAL B 21 20.44 6.62 12.73
N LEU B 22 20.10 7.91 12.87
CA LEU B 22 19.91 8.53 14.19
C LEU B 22 18.45 8.42 14.62
N LEU B 23 18.22 7.92 15.84
CA LEU B 23 16.87 7.87 16.43
C LEU B 23 16.91 8.45 17.82
N GLY B 24 15.73 8.85 18.30
CA GLY B 24 15.56 9.44 19.61
C GLY B 24 14.51 8.68 20.38
N MET B 25 14.84 8.34 21.63
CA MET B 25 13.87 7.78 22.57
C MET B 25 12.99 8.93 23.05
N LYS B 26 11.70 8.87 22.73
CA LYS B 26 10.72 9.85 23.22
C LYS B 26 10.50 9.66 24.74
N LYS B 27 10.84 10.69 25.50
CA LYS B 27 10.82 10.63 26.96
C LYS B 27 9.45 10.97 27.54
N ARG B 28 8.66 11.77 26.81
CA ARG B 28 7.33 12.17 27.27
C ARG B 28 6.43 12.55 26.10
N GLY B 29 5.14 12.68 26.39
CA GLY B 29 4.14 13.04 25.38
C GLY B 29 3.72 11.85 24.54
N PHE B 30 3.09 12.15 23.41
CA PHE B 30 2.53 11.15 22.50
C PHE B 30 3.61 10.26 21.85
N GLY B 31 3.48 8.95 22.04
CA GLY B 31 4.49 7.97 21.63
C GLY B 31 5.66 7.77 22.59
N ALA B 32 5.54 8.23 23.84
CA ALA B 32 6.64 8.09 24.82
C ALA B 32 7.08 6.64 25.02
N GLY B 33 8.39 6.44 25.10
CA GLY B 33 8.96 5.11 25.26
C GLY B 33 9.16 4.33 23.98
N ARG B 34 9.15 5.01 22.83
CA ARG B 34 9.54 4.41 21.55
C ARG B 34 10.61 5.24 20.86
N TRP B 35 11.54 4.54 20.18
CA TRP B 35 12.50 5.19 19.29
C TRP B 35 11.74 5.75 18.08
N ASN B 36 12.18 6.91 17.61
CA ASN B 36 11.47 7.67 16.58
C ASN B 36 12.41 8.61 15.84
N GLY B 37 11.97 9.05 14.67
CA GLY B 37 12.58 10.19 14.00
C GLY B 37 12.25 11.47 14.76
N PHE B 38 12.88 12.57 14.38
CA PHE B 38 12.64 13.86 15.06
C PHE B 38 11.60 14.64 14.29
N GLY B 39 10.64 15.22 14.99
CA GLY B 39 9.53 15.90 14.36
C GLY B 39 8.46 16.37 15.32
N GLY B 40 7.31 16.73 14.76
CA GLY B 40 6.22 17.27 15.53
C GLY B 40 5.30 18.13 14.69
N LYS B 41 4.36 18.79 15.37
CA LYS B 41 3.39 19.68 14.74
C LYS B 41 4.04 20.83 13.98
N VAL B 42 3.56 21.06 12.76
CA VAL B 42 3.92 22.23 11.98
C VAL B 42 3.06 23.39 12.52
N GLN B 43 3.72 24.49 12.88
CA GLN B 43 3.05 25.66 13.42
C GLN B 43 2.57 26.59 12.33
N GLU B 44 1.70 27.53 12.73
CA GLU B 44 1.32 28.65 11.88
C GLU B 44 2.53 29.54 11.64
N GLY B 45 2.70 30.00 10.40
CA GLY B 45 3.76 30.96 10.04
C GLY B 45 5.11 30.39 9.66
N GLU B 46 5.21 29.07 9.53
CA GLU B 46 6.45 28.42 9.06
C GLU B 46 6.11 27.42 7.97
N THR B 47 7.06 27.17 7.09
CA THR B 47 6.92 26.12 6.09
C THR B 47 6.97 24.74 6.79
N ILE B 48 6.61 23.70 6.04
CA ILE B 48 6.75 22.34 6.53
C ILE B 48 8.23 22.06 6.78
N GLU B 49 9.11 22.41 5.84
CA GLU B 49 10.54 22.16 6.01
C GLU B 49 11.13 22.93 7.19
N ASP B 50 10.77 24.21 7.36
CA ASP B 50 11.24 24.97 8.52
C ASP B 50 10.75 24.35 9.84
N GLY B 51 9.51 23.86 9.84
CA GLY B 51 8.97 23.10 10.96
C GLY B 51 9.81 21.87 11.29
N ALA B 52 10.20 21.12 10.27
CA ALA B 52 11.04 19.92 10.44
C ALA B 52 12.42 20.27 11.01
N ARG B 53 13.03 21.35 10.51
CA ARG B 53 14.30 21.87 11.05
C ARG B 53 14.16 22.37 12.49
N ARG B 54 13.09 23.10 12.77
CA ARG B 54 12.81 23.53 14.15
C ARG B 54 12.75 22.33 15.11
N GLU B 55 12.01 21.29 14.72
CA GLU B 55 11.86 20.09 15.56
C GLU B 55 13.18 19.37 15.76
N LEU B 56 13.95 19.19 14.68
CA LEU B 56 15.26 18.57 14.80
C LEU B 56 16.13 19.33 15.80
N GLN B 57 16.15 20.66 15.64
CA GLN B 57 16.96 21.54 16.49
C GLN B 57 16.51 21.48 17.95
N GLU B 58 15.22 21.68 18.21
CA GLU B 58 14.67 21.60 19.57
C GLU B 58 14.91 20.24 20.26
N GLU B 59 14.83 19.15 19.50
CA GLU B 59 14.88 17.79 20.05
C GLU B 59 16.27 17.15 20.13
N SER B 60 17.17 17.53 19.23
CA SER B 60 18.54 16.97 19.16
C SER B 60 19.66 18.01 19.21
N GLY B 61 19.34 19.31 19.12
CA GLY B 61 20.36 20.35 18.98
C GLY B 61 20.98 20.48 17.60
N LEU B 62 20.63 19.60 16.65
CA LEU B 62 21.30 19.54 15.35
C LEU B 62 20.70 20.52 14.35
N THR B 63 21.56 21.06 13.50
CA THR B 63 21.12 21.76 12.30
C THR B 63 21.63 21.01 11.09
N VAL B 64 21.04 21.31 9.94
CA VAL B 64 21.30 20.62 8.69
C VAL B 64 21.42 21.65 7.59
N ASP B 65 22.13 21.29 6.52
CA ASP B 65 22.14 22.13 5.33
C ASP B 65 20.87 21.88 4.53
N ALA B 66 20.65 20.63 4.14
CA ALA B 66 19.53 20.29 3.26
C ALA B 66 18.71 19.13 3.82
N LEU B 67 17.39 19.28 3.74
CA LEU B 67 16.44 18.22 4.02
C LEU B 67 15.82 17.83 2.70
N HIS B 68 15.69 16.52 2.47
CA HIS B 68 15.11 15.98 1.26
C HIS B 68 13.78 15.34 1.59
N LYS B 69 12.76 15.65 0.80
CA LYS B 69 11.44 15.04 0.92
C LYS B 69 11.53 13.61 0.44
N VAL B 70 11.36 12.64 1.34
CA VAL B 70 11.37 11.20 0.98
C VAL B 70 10.04 10.48 1.13
N GLY B 71 9.07 11.06 1.82
CA GLY B 71 7.74 10.47 1.87
C GLY B 71 6.64 11.27 2.56
N GLN B 72 5.41 10.81 2.39
CA GLN B 72 4.25 11.30 3.13
C GLN B 72 3.54 10.10 3.71
N ILE B 73 3.19 10.16 5.00
CA ILE B 73 2.37 9.14 5.63
C ILE B 73 1.16 9.80 6.30
N VAL B 74 -0.02 9.28 5.99
CA VAL B 74 -1.28 9.72 6.60
C VAL B 74 -1.63 8.67 7.66
N PHE B 75 -1.90 9.13 8.89
CA PHE B 75 -2.32 8.25 9.99
C PHE B 75 -3.74 8.61 10.41
N GLU B 76 -4.59 7.59 10.52
CA GLU B 76 -5.88 7.72 11.17
C GLU B 76 -5.81 6.98 12.50
N PHE B 77 -6.27 7.66 13.55
CA PHE B 77 -6.55 7.02 14.84
C PHE B 77 -8.06 6.96 15.05
N VAL B 78 -8.56 5.74 15.26
CA VAL B 78 -9.99 5.48 15.44
C VAL B 78 -10.51 6.35 16.58
N GLY B 79 -11.52 7.17 16.30
CA GLY B 79 -12.14 8.03 17.30
C GLY B 79 -11.58 9.44 17.35
N GLU B 80 -10.41 9.66 16.76
CA GLU B 80 -9.84 11.00 16.64
C GLU B 80 -10.28 11.65 15.31
N PRO B 81 -10.76 12.91 15.35
CA PRO B 81 -11.21 13.62 14.13
C PRO B 81 -10.13 13.98 13.11
N GLU B 82 -9.03 14.59 13.57
CA GLU B 82 -7.93 15.01 12.68
C GLU B 82 -7.08 13.81 12.25
N LEU B 83 -6.83 13.68 10.94
CA LEU B 83 -5.83 12.75 10.43
C LEU B 83 -4.46 13.40 10.60
N MET B 84 -3.44 12.59 10.85
CA MET B 84 -2.06 13.11 10.93
C MET B 84 -1.45 13.02 9.55
N ASP B 85 -1.12 14.18 8.98
CA ASP B 85 -0.48 14.24 7.68
C ASP B 85 1.00 14.52 7.90
N VAL B 86 1.77 13.44 7.86
CA VAL B 86 3.19 13.49 8.22
C VAL B 86 4.07 13.55 6.97
N HIS B 87 4.84 14.63 6.85
CA HIS B 87 5.81 14.78 5.76
C HIS B 87 7.17 14.31 6.27
N VAL B 88 7.71 13.26 5.66
CA VAL B 88 8.92 12.62 6.12
C VAL B 88 10.12 13.14 5.33
N PHE B 89 11.19 13.48 6.03
CA PHE B 89 12.41 14.03 5.43
C PHE B 89 13.60 13.17 5.79
N CYS B 90 14.61 13.27 4.94
CA CYS B 90 15.86 12.57 5.12
C CYS B 90 17.02 13.54 4.95
N THR B 91 18.13 13.24 5.62
CA THR B 91 19.39 13.94 5.38
C THR B 91 20.58 13.12 5.86
N ASP B 92 21.73 13.37 5.24
CA ASP B 92 23.01 12.81 5.65
C ASP B 92 23.95 13.89 6.24
N SER B 93 23.59 15.18 6.08
CA SER B 93 24.52 16.31 6.32
C SER B 93 24.32 17.02 7.66
N ILE B 94 24.53 16.33 8.76
CA ILE B 94 24.37 16.94 10.09
C ILE B 94 25.45 17.98 10.41
N GLN B 95 25.01 19.09 11.00
CA GLN B 95 25.89 20.09 11.59
C GLN B 95 25.72 19.99 13.11
N GLY B 96 26.78 19.54 13.79
CA GLY B 96 26.76 19.35 15.24
C GLY B 96 26.74 17.90 15.67
N THR B 97 26.85 17.70 16.99
CA THR B 97 26.73 16.39 17.65
C THR B 97 25.36 16.37 18.33
N PRO B 98 24.59 15.26 18.17
CA PRO B 98 23.26 15.26 18.78
C PRO B 98 23.33 15.22 20.31
N VAL B 99 22.46 15.98 20.97
CA VAL B 99 22.38 16.00 22.43
C VAL B 99 20.95 15.78 22.90
N GLU B 100 20.82 15.28 24.13
CA GLU B 100 19.56 14.94 24.73
C GLU B 100 18.75 16.20 25.01
N SER B 101 17.45 16.16 24.68
CA SER B 101 16.50 17.20 25.06
C SER B 101 15.61 16.66 26.16
N ASP B 102 14.71 17.50 26.67
CA ASP B 102 13.64 17.03 27.55
C ASP B 102 12.72 16.03 26.84
N GLU B 103 12.55 16.19 25.53
CA GLU B 103 11.68 15.33 24.76
C GLU B 103 12.37 14.07 24.23
N MET B 104 13.63 14.17 23.81
CA MET B 104 14.31 13.05 23.12
C MET B 104 15.70 12.76 23.67
N ARG B 105 16.04 11.45 23.72
CA ARG B 105 17.41 10.99 23.99
C ARG B 105 17.96 10.34 22.71
N PRO B 106 18.90 11.02 22.00
CA PRO B 106 19.35 10.55 20.69
C PRO B 106 20.45 9.48 20.73
N CYS B 107 20.38 8.54 19.81
N CYS B 107 20.41 8.56 19.78
CA CYS B 107 21.37 7.45 19.72
CA CYS B 107 21.38 7.47 19.73
C CYS B 107 21.51 6.98 18.28
C CYS B 107 21.51 6.94 18.30
N TRP B 108 22.74 6.59 17.91
CA TRP B 108 23.03 6.04 16.59
C TRP B 108 22.76 4.54 16.53
N PHE B 109 22.15 4.08 15.44
CA PHE B 109 21.88 2.65 15.21
C PHE B 109 22.43 2.17 13.87
N GLN B 110 23.17 1.07 13.90
CA GLN B 110 23.62 0.41 12.68
C GLN B 110 22.38 -0.07 11.93
N LEU B 111 22.42 -0.02 10.61
CA LEU B 111 21.23 -0.22 9.78
C LEU B 111 20.63 -1.63 9.82
N ASP B 112 21.41 -2.63 10.26
CA ASP B 112 20.90 -3.98 10.52
C ASP B 112 20.50 -4.21 11.98
N GLN B 113 20.51 -3.16 12.79
CA GLN B 113 20.17 -3.25 14.21
C GLN B 113 19.12 -2.20 14.60
N ILE B 114 18.21 -1.92 13.67
CA ILE B 114 17.17 -0.93 13.91
C ILE B 114 16.13 -1.56 14.85
N PRO B 115 15.84 -0.91 15.99
CA PRO B 115 15.01 -1.56 17.01
C PRO B 115 13.51 -1.45 16.71
N PHE B 116 13.06 -2.20 15.71
CA PHE B 116 11.66 -2.14 15.25
C PHE B 116 10.65 -2.48 16.35
N LYS B 117 11.02 -3.44 17.21
CA LYS B 117 10.19 -3.84 18.36
C LYS B 117 9.79 -2.69 19.29
N ASP B 118 10.71 -1.76 19.51
N ASP B 118 10.69 -1.76 19.55
CA ASP B 118 10.49 -0.59 20.35
CA ASP B 118 10.36 -0.58 20.36
C ASP B 118 10.30 0.70 19.52
C ASP B 118 10.30 0.70 19.53
N MET B 119 9.71 0.58 18.33
CA MET B 119 9.39 1.73 17.48
C MET B 119 7.89 1.69 17.17
N TRP B 120 7.35 2.77 16.60
CA TRP B 120 6.00 2.72 16.08
C TRP B 120 5.90 1.56 15.07
N PRO B 121 4.89 0.67 15.20
CA PRO B 121 4.83 -0.57 14.39
C PRO B 121 4.65 -0.36 12.88
N ASP B 122 4.13 0.79 12.45
CA ASP B 122 4.17 1.16 11.02
C ASP B 122 5.58 1.25 10.44
N ASP B 123 6.58 1.56 11.27
CA ASP B 123 7.97 1.66 10.80
C ASP B 123 8.51 0.37 10.20
N SER B 124 8.06 -0.80 10.67
CA SER B 124 8.43 -2.08 10.05
C SER B 124 8.10 -2.15 8.56
N TYR B 125 7.05 -1.44 8.15
CA TYR B 125 6.57 -1.45 6.77
C TYR B 125 7.33 -0.45 5.90
N TRP B 126 7.43 0.80 6.35
CA TRP B 126 7.95 1.89 5.47
C TRP B 126 9.44 2.21 5.58
N PHE B 127 10.08 1.88 6.71
CA PHE B 127 11.55 2.07 6.86
C PHE B 127 12.42 1.47 5.77
N PRO B 128 12.14 0.21 5.35
CA PRO B 128 12.90 -0.38 4.24
C PRO B 128 12.95 0.49 2.99
N LEU B 129 11.84 1.16 2.67
CA LEU B 129 11.78 2.08 1.54
C LEU B 129 12.61 3.36 1.76
N LEU B 130 12.65 3.85 2.99
CA LEU B 130 13.56 4.95 3.35
C LEU B 130 15.01 4.51 3.14
N LEU B 131 15.40 3.38 3.74
CA LEU B 131 16.77 2.87 3.66
C LEU B 131 17.20 2.51 2.23
N GLN B 132 16.23 2.08 1.42
CA GLN B 132 16.44 1.80 0.00
C GLN B 132 16.35 3.07 -0.88
N LYS B 133 16.12 4.22 -0.26
CA LYS B 133 16.12 5.53 -0.94
C LYS B 133 15.04 5.66 -2.02
N LYS B 134 13.86 5.10 -1.74
CA LYS B 134 12.70 5.15 -2.62
C LYS B 134 11.69 6.08 -1.99
N LYS B 135 11.11 6.98 -2.78
CA LYS B 135 10.10 7.90 -2.27
C LYS B 135 8.74 7.20 -2.19
N PHE B 136 7.95 7.49 -1.15
CA PHE B 136 6.75 6.71 -0.86
C PHE B 136 5.60 7.53 -0.28
N HIS B 137 4.38 7.04 -0.50
CA HIS B 137 3.17 7.53 0.16
C HIS B 137 2.62 6.37 1.00
N GLY B 138 2.39 6.65 2.28
CA GLY B 138 1.83 5.67 3.23
C GLY B 138 0.50 6.11 3.81
N TYR B 139 -0.30 5.14 4.23
CA TYR B 139 -1.51 5.35 5.02
C TYR B 139 -1.68 4.19 6.01
N PHE B 140 -1.82 4.51 7.29
CA PHE B 140 -1.99 3.50 8.35
C PHE B 140 -3.15 3.90 9.25
N LYS B 141 -4.11 2.99 9.45
CA LYS B 141 -5.23 3.20 10.36
C LYS B 141 -4.92 2.44 11.64
N PHE B 142 -4.95 3.15 12.77
CA PHE B 142 -4.58 2.64 14.08
C PHE B 142 -5.79 2.56 15.00
N GLN B 143 -5.88 1.48 15.78
CA GLN B 143 -6.79 1.38 16.92
C GLN B 143 -5.91 1.43 18.17
N GLY B 144 -5.88 2.60 18.81
CA GLY B 144 -4.91 2.84 19.87
C GLY B 144 -3.52 2.93 19.27
N GLN B 145 -2.49 2.65 20.07
CA GLN B 145 -1.09 2.85 19.66
C GLN B 145 -0.36 1.59 19.20
N ASP B 146 -0.99 0.42 19.34
CA ASP B 146 -0.35 -0.87 19.02
C ASP B 146 -0.89 -1.61 17.80
N THR B 147 -2.09 -1.28 17.35
CA THR B 147 -2.81 -2.13 16.39
C THR B 147 -3.10 -1.39 15.09
N ILE B 148 -2.59 -1.94 13.99
CA ILE B 148 -2.86 -1.44 12.65
C ILE B 148 -4.03 -2.24 12.09
N LEU B 149 -5.17 -1.57 11.89
CA LEU B 149 -6.34 -2.20 11.29
C LEU B 149 -6.22 -2.27 9.77
N ASP B 150 -5.77 -1.16 9.17
CA ASP B 150 -5.60 -1.05 7.73
C ASP B 150 -4.31 -0.33 7.38
N TYR B 151 -3.79 -0.61 6.18
CA TYR B 151 -2.70 0.21 5.63
C TYR B 151 -2.60 0.13 4.11
N THR B 152 -2.15 1.23 3.51
CA THR B 152 -1.66 1.22 2.14
C THR B 152 -0.25 1.78 2.09
N LEU B 153 0.53 1.27 1.15
CA LEU B 153 1.92 1.69 0.96
C LEU B 153 2.35 1.48 -0.49
N ARG B 154 2.89 2.54 -1.09
CA ARG B 154 3.42 2.46 -2.47
C ARG B 154 4.59 3.42 -2.65
N GLU B 155 5.40 3.13 -3.66
CA GLU B 155 6.52 3.98 -4.05
C GLU B 155 6.00 5.01 -5.06
N VAL B 156 6.56 6.21 -5.05
CA VAL B 156 6.07 7.32 -5.89
C VAL B 156 7.22 8.09 -6.55
N ASP B 157 6.87 8.84 -7.60
CA ASP B 157 7.80 9.71 -8.32
C ASP B 157 8.00 10.99 -7.53
N THR B 158 6.89 11.66 -7.23
CA THR B 158 6.88 12.92 -6.49
C THR B 158 6.28 12.69 -5.12
N VAL B 159 6.98 13.15 -4.08
CA VAL B 159 6.44 13.18 -2.71
C VAL B 159 5.44 14.33 -2.62
CAC L3N C . -13.98 -10.85 -3.50
CAD L3N C . -14.26 -12.05 -4.15
CAE L3N C . -13.53 -9.75 -4.22
CAF L3N C . -14.10 -12.14 -5.54
CAI L3N C . -13.36 -9.85 -5.65
CAJ L3N C . -13.64 -11.01 -6.29
CAK L3N C . -12.76 -8.86 -7.73
CAL L3N C . -13.47 -11.09 -7.70
NAG L3N C . -12.92 -8.78 -6.39
NAH L3N C . -13.03 -10.02 -8.38
OAA L3N C . -12.37 -7.91 -8.35
OAB L3N C . -13.69 -12.09 -8.30
S SO4 D . 8.79 -6.80 -2.22
O1 SO4 D . 8.51 -7.56 -3.46
O2 SO4 D . 10.24 -6.94 -1.89
O3 SO4 D . 7.99 -7.32 -1.09
O4 SO4 D . 8.48 -5.38 -2.44
S SO4 E . 2.48 -9.01 2.01
O1 SO4 E . 3.50 -8.93 0.94
O2 SO4 E . 2.08 -7.65 2.41
O3 SO4 E . 1.30 -9.75 1.52
O4 SO4 E . 3.05 -9.76 3.16
S SO4 F . 5.76 -11.28 -16.03
O1 SO4 F . 5.87 -11.94 -17.35
O2 SO4 F . 7.08 -11.23 -15.36
O3 SO4 F . 4.81 -12.04 -15.18
O4 SO4 F . 5.28 -9.89 -16.22
CAC L3N G . 1.61 7.18 14.23
CAD L3N G . 1.75 8.39 14.91
CAE L3N G . 2.72 6.54 13.72
CAF L3N G . 3.01 8.96 15.06
CAI L3N G . 4.02 7.11 13.88
CAJ L3N G . 4.17 8.30 14.53
CAK L3N G . 6.37 7.03 13.52
CAL L3N G . 5.46 8.84 14.68
NAG L3N G . 5.15 6.49 13.38
NAH L3N G . 6.52 8.21 14.18
OAA L3N G . 7.32 6.47 13.10
OAB L3N G . 5.61 9.87 15.26
S SO4 H . 14.07 17.28 -2.34
O1 SO4 H . 15.08 18.36 -2.30
O2 SO4 H . 13.34 17.31 -3.62
O3 SO4 H . 13.10 17.46 -1.25
O4 SO4 H . 14.77 15.98 -2.21
S SO4 I . 22.68 15.43 2.26
O1 SO4 I . 22.39 14.56 1.10
O2 SO4 I . 22.70 16.85 1.84
O3 SO4 I . 21.62 15.27 3.28
O4 SO4 I . 24.00 15.06 2.82
#